data_1HJB
#
_entry.id   1HJB
#
_cell.length_a   102.165
_cell.length_b   109.273
_cell.length_c   127.405
_cell.angle_alpha   90.00
_cell.angle_beta   90.00
_cell.angle_gamma   90.00
#
_symmetry.space_group_name_H-M   'P 21 21 2'
#
loop_
_entity.id
_entity.type
_entity.pdbx_description
1 polymer 'CCAAT/ENHANCER BINDING PROTEIN BETA'
2 polymer 'RUNT-RELATED TRANSCRIPTION FACTOR 1'
3 polymer "DNA (5'-(*GP*AP*AP*GP*AP*TP*TP*TP*CP*CP* AP*AP*AP*CP*TP*CP*TP*GP*TP*GP*GP*TP*TP*GP*CP*G)-3')"
4 polymer "DNA (5'-(*CP*CP*GP*CP*AP*AP*CP*CP*AP*CP* AP*GP*AP*GP*TP*TP*TP*GP*GP*AP*AP*AP*TP*CP*TP*T)-3')"
#
loop_
_entity_poly.entity_id
_entity_poly.type
_entity_poly.pdbx_seq_one_letter_code
_entity_poly.pdbx_strand_id
1 'polypeptide(L)'
;VKSKAKKTVDKHSDEYKIRRERNNIAVRKSRDKAKMRNLETQHKVLELTAENERLQKKVEQLSRELSTLRNLFKQLPEPL
LASSGHC
;
A,B,D,E
2 'polypeptide(L)'
;GELVRTDSPNFLCSVLPTHWRCNKTLPIAFKVVALGDVPDGTLVTVMAGNDENYSAELRNATAAMKNQVARFNDLRFVGR
SGRGKSFTLTITVFTNPPQVATYHRAIKITVDGPREPRRHRQK
;
C,F
3 'polydeoxyribonucleotide'
;(DG)(DA)(DA)(DG)(DA)(DT)(DT)(DT)(DC)(DC)(DA)(DA)(DA)(DC)(DT)(DC)(DT)(DG)(DT)(DG)
(DG)(DT)(DT)(DG)(DC)(DG)
;
G,I
4 'polydeoxyribonucleotide'
;(DC)(DC)(DG)(DC)(DA)(DA)(DC)(DC)(DA)(DC)(DA)(DG)(DA)(DG)(DT)(DT)(DT)(DG)(DG)(DA)
(DA)(DA)(DT)(DC)(DT)(DT)
;
H,J
#
loop_
_chem_comp.id
_chem_comp.type
_chem_comp.name
_chem_comp.formula
DA DNA linking 2'-DEOXYADENOSINE-5'-MONOPHOSPHATE 'C10 H14 N5 O6 P'
DC DNA linking 2'-DEOXYCYTIDINE-5'-MONOPHOSPHATE 'C9 H14 N3 O7 P'
DG DNA linking 2'-DEOXYGUANOSINE-5'-MONOPHOSPHATE 'C10 H14 N5 O7 P'
DT DNA linking THYMIDINE-5'-MONOPHOSPHATE 'C10 H15 N2 O8 P'
#
# COMPACT_ATOMS: atom_id res chain seq x y z
N ASP A 10 22.34 -64.80 -17.27
CA ASP A 10 21.64 -64.15 -16.13
C ASP A 10 22.54 -63.08 -15.52
N LYS A 11 22.02 -61.85 -15.44
CA LYS A 11 22.76 -60.72 -14.88
C LYS A 11 23.06 -60.95 -13.41
N HIS A 12 22.78 -62.15 -12.92
CA HIS A 12 23.02 -62.47 -11.52
C HIS A 12 23.56 -63.90 -11.34
N SER A 13 24.55 -64.26 -12.15
CA SER A 13 25.16 -65.59 -12.11
C SER A 13 26.65 -65.53 -11.74
N ASP A 14 27.01 -65.93 -10.52
CA ASP A 14 28.40 -65.93 -10.02
C ASP A 14 29.45 -65.49 -11.02
N GLU A 15 29.53 -66.21 -12.14
CA GLU A 15 30.49 -65.90 -13.21
C GLU A 15 30.41 -64.43 -13.63
N TYR A 16 29.23 -64.02 -14.07
CA TYR A 16 29.03 -62.64 -14.48
C TYR A 16 29.45 -61.72 -13.34
N LYS A 17 28.88 -61.96 -12.16
CA LYS A 17 29.17 -61.14 -11.00
C LYS A 17 30.66 -60.90 -10.77
N ILE A 18 31.49 -61.94 -10.89
CA ILE A 18 32.92 -61.75 -10.69
C ILE A 18 33.48 -60.89 -11.81
N ARG A 19 33.20 -61.29 -13.04
CA ARG A 19 33.66 -60.56 -14.22
C ARG A 19 33.30 -59.09 -14.08
N ARG A 20 32.07 -58.82 -13.66
CA ARG A 20 31.59 -57.46 -13.46
C ARG A 20 32.53 -56.73 -12.50
N GLU A 21 32.56 -57.20 -11.26
CA GLU A 21 33.40 -56.55 -10.25
C GLU A 21 34.81 -56.34 -10.73
N ARG A 22 35.31 -57.27 -11.53
CA ARG A 22 36.65 -57.12 -12.01
C ARG A 22 36.72 -55.85 -12.84
N ASN A 23 35.83 -55.75 -13.82
CA ASN A 23 35.85 -54.57 -14.67
C ASN A 23 35.75 -53.30 -13.85
N ASN A 24 34.81 -53.25 -12.91
CA ASN A 24 34.64 -52.07 -12.07
C ASN A 24 35.99 -51.71 -11.46
N ILE A 25 36.63 -52.71 -10.90
CA ILE A 25 37.92 -52.50 -10.30
C ILE A 25 38.78 -51.74 -11.32
N ALA A 26 38.64 -52.08 -12.58
CA ALA A 26 39.41 -51.44 -13.65
C ALA A 26 38.95 -50.07 -14.10
N VAL A 27 37.64 -49.83 -14.13
CA VAL A 27 37.16 -48.52 -14.54
C VAL A 27 37.47 -47.50 -13.47
N ARG A 28 37.51 -47.96 -12.22
CA ARG A 28 37.82 -47.06 -11.14
C ARG A 28 39.24 -46.58 -11.41
N LYS A 29 40.17 -47.54 -11.39
CA LYS A 29 41.59 -47.27 -11.63
C LYS A 29 41.81 -46.36 -12.81
N SER A 30 41.13 -46.64 -13.91
CA SER A 30 41.29 -45.84 -15.11
C SER A 30 40.69 -44.44 -15.05
N ARG A 31 39.56 -44.27 -14.38
CA ARG A 31 38.99 -42.93 -14.30
C ARG A 31 39.98 -42.09 -13.54
N ASP A 32 40.56 -42.70 -12.52
CA ASP A 32 41.55 -42.06 -11.68
C ASP A 32 42.69 -41.51 -12.53
N LYS A 33 43.30 -42.38 -13.33
CA LYS A 33 44.40 -41.99 -14.20
C LYS A 33 43.98 -40.79 -15.01
N ALA A 34 42.79 -40.87 -15.60
CA ALA A 34 42.27 -39.77 -16.40
C ALA A 34 42.36 -38.45 -15.66
N LYS A 35 41.76 -38.37 -14.48
CA LYS A 35 41.81 -37.13 -13.71
C LYS A 35 43.23 -36.70 -13.46
N MET A 36 44.04 -37.61 -12.96
CA MET A 36 45.43 -37.26 -12.70
C MET A 36 46.03 -36.60 -13.94
N ARG A 37 45.96 -37.25 -15.08
CA ARG A 37 46.51 -36.67 -16.30
C ARG A 37 45.91 -35.28 -16.53
N ASN A 38 44.62 -35.14 -16.22
CA ASN A 38 43.94 -33.87 -16.43
C ASN A 38 44.59 -32.78 -15.60
N LEU A 39 44.92 -33.09 -14.35
CA LEU A 39 45.55 -32.10 -13.49
C LEU A 39 46.94 -31.74 -13.98
N GLU A 40 47.75 -32.76 -14.25
CA GLU A 40 49.10 -32.54 -14.75
C GLU A 40 49.05 -31.48 -15.84
N THR A 41 48.16 -31.68 -16.80
CA THR A 41 48.02 -30.72 -17.88
C THR A 41 47.88 -29.33 -17.32
N GLN A 42 46.72 -29.04 -16.74
CA GLN A 42 46.45 -27.73 -16.17
C GLN A 42 47.71 -27.20 -15.47
N HIS A 43 48.31 -28.03 -14.62
CA HIS A 43 49.54 -27.65 -13.96
C HIS A 43 50.51 -27.20 -15.04
N LYS A 44 50.87 -28.14 -15.92
CA LYS A 44 51.78 -27.87 -17.02
C LYS A 44 51.45 -26.49 -17.63
N VAL A 45 50.18 -26.24 -17.88
CA VAL A 45 49.75 -24.97 -18.43
C VAL A 45 50.34 -23.79 -17.69
N LEU A 46 49.85 -23.57 -16.49
CA LEU A 46 50.29 -22.48 -15.64
C LEU A 46 51.81 -22.41 -15.62
N GLU A 47 52.43 -23.57 -15.44
CA GLU A 47 53.89 -23.66 -15.39
C GLU A 47 54.54 -23.08 -16.65
N LEU A 48 53.85 -23.20 -17.77
CA LEU A 48 54.36 -22.64 -19.02
C LEU A 48 54.20 -21.15 -18.95
N THR A 49 52.94 -20.73 -18.87
CA THR A 49 52.56 -19.33 -18.79
C THR A 49 53.58 -18.59 -17.94
N ALA A 50 54.03 -19.24 -16.89
CA ALA A 50 55.03 -18.65 -16.02
C ALA A 50 56.27 -18.42 -16.86
N GLU A 51 56.86 -19.52 -17.31
CA GLU A 51 58.06 -19.47 -18.12
C GLU A 51 57.89 -18.57 -19.35
N ASN A 52 56.71 -18.61 -19.94
CA ASN A 52 56.43 -17.79 -21.11
C ASN A 52 56.57 -16.32 -20.76
N GLU A 53 55.99 -15.92 -19.63
CA GLU A 53 56.07 -14.53 -19.20
C GLU A 53 57.53 -14.17 -18.90
N ARG A 54 58.22 -15.05 -18.20
CA ARG A 54 59.62 -14.82 -17.84
C ARG A 54 60.51 -14.59 -19.05
N LEU A 55 60.30 -15.38 -20.10
CA LEU A 55 61.09 -15.24 -21.31
C LEU A 55 60.85 -13.91 -22.00
N GLN A 56 59.62 -13.42 -21.95
CA GLN A 56 59.27 -12.15 -22.59
C GLN A 56 60.12 -11.01 -21.99
N LYS A 57 60.35 -11.08 -20.68
CA LYS A 57 61.17 -10.07 -20.01
C LYS A 57 62.57 -10.19 -20.60
N LYS A 58 63.17 -11.36 -20.44
CA LYS A 58 64.51 -11.65 -20.93
C LYS A 58 64.73 -11.08 -22.34
N VAL A 59 63.70 -11.08 -23.17
CA VAL A 59 63.83 -10.49 -24.49
C VAL A 59 63.91 -8.98 -24.32
N GLU A 60 62.88 -8.40 -23.70
CA GLU A 60 62.85 -6.97 -23.45
C GLU A 60 64.21 -6.49 -22.96
N GLN A 61 64.70 -7.18 -21.94
CA GLN A 61 65.99 -6.86 -21.33
C GLN A 61 67.08 -6.77 -22.39
N LEU A 62 67.22 -7.82 -23.19
CA LEU A 62 68.23 -7.86 -24.24
C LEU A 62 67.97 -6.93 -25.43
N SER A 63 66.70 -6.70 -25.74
CA SER A 63 66.34 -5.82 -26.86
C SER A 63 66.86 -4.42 -26.53
N ARG A 64 66.56 -3.96 -25.32
CA ARG A 64 67.01 -2.65 -24.86
C ARG A 64 68.53 -2.68 -24.84
N GLU A 65 69.10 -3.70 -24.21
CA GLU A 65 70.54 -3.83 -24.10
C GLU A 65 71.26 -3.76 -25.45
N LEU A 66 70.61 -4.18 -26.53
CA LEU A 66 71.25 -4.10 -27.84
C LEU A 66 71.05 -2.71 -28.45
N SER A 67 69.97 -2.06 -28.07
CA SER A 67 69.69 -0.71 -28.57
C SER A 67 70.70 0.23 -27.92
N THR A 68 71.30 -0.24 -26.82
CA THR A 68 72.29 0.54 -26.08
C THR A 68 73.68 0.34 -26.68
N LEU A 69 74.02 -0.89 -27.05
CA LEU A 69 75.34 -1.11 -27.63
C LEU A 69 75.38 -0.72 -29.10
N ARG A 70 74.27 -0.18 -29.59
CA ARG A 70 74.21 0.29 -30.97
C ARG A 70 74.35 1.79 -30.89
N ASN A 71 73.53 2.42 -30.06
CA ASN A 71 73.57 3.86 -29.87
C ASN A 71 74.90 4.23 -29.22
N LEU A 72 75.58 3.22 -28.67
CA LEU A 72 76.87 3.41 -28.00
C LEU A 72 78.04 3.30 -28.98
N PHE A 73 77.96 2.36 -29.91
CA PHE A 73 79.01 2.18 -30.91
C PHE A 73 79.10 3.48 -31.72
N LYS A 74 77.94 4.10 -31.93
CA LYS A 74 77.83 5.34 -32.70
C LYS A 74 78.50 6.54 -32.02
N GLN A 75 78.00 6.93 -30.86
CA GLN A 75 78.55 8.07 -30.12
C GLN A 75 80.04 7.91 -29.80
N ASP B 10 8.29 -44.44 -6.61
CA ASP B 10 7.86 -44.97 -7.94
C ASP B 10 8.94 -44.85 -9.00
N LYS B 11 8.90 -45.75 -9.98
CA LYS B 11 9.87 -45.73 -11.06
C LYS B 11 9.17 -45.86 -12.41
N HIS B 12 7.85 -45.87 -12.41
CA HIS B 12 7.10 -45.98 -13.66
C HIS B 12 6.22 -44.76 -13.86
N SER B 13 6.38 -43.77 -12.99
CA SER B 13 5.59 -42.55 -13.09
C SER B 13 5.84 -41.89 -14.44
N ASP B 14 4.89 -41.10 -14.89
CA ASP B 14 5.03 -40.37 -16.14
C ASP B 14 5.98 -39.22 -15.81
N GLU B 15 5.83 -38.67 -14.61
CA GLU B 15 6.71 -37.60 -14.18
C GLU B 15 8.08 -38.23 -14.31
N TYR B 16 8.34 -39.23 -13.47
CA TYR B 16 9.61 -39.96 -13.41
C TYR B 16 10.35 -40.01 -14.74
N LYS B 17 9.83 -40.78 -15.69
CA LYS B 17 10.50 -40.89 -16.96
C LYS B 17 10.89 -39.54 -17.51
N ILE B 18 9.92 -38.63 -17.62
CA ILE B 18 10.24 -37.32 -18.16
C ILE B 18 11.36 -36.60 -17.41
N ARG B 19 11.27 -36.51 -16.09
CA ARG B 19 12.32 -35.83 -15.33
C ARG B 19 13.58 -36.54 -15.65
N ARG B 20 13.55 -37.86 -15.45
CA ARG B 20 14.68 -38.70 -15.73
C ARG B 20 15.26 -38.45 -17.12
N GLU B 21 14.42 -38.54 -18.14
CA GLU B 21 14.89 -38.35 -19.51
C GLU B 21 15.46 -36.96 -19.83
N ARG B 22 15.14 -35.95 -19.03
CA ARG B 22 15.68 -34.63 -19.29
C ARG B 22 17.06 -34.54 -18.67
N ASN B 23 17.18 -35.09 -17.47
CA ASN B 23 18.43 -35.13 -16.73
C ASN B 23 19.43 -35.79 -17.67
N ASN B 24 18.98 -36.84 -18.35
CA ASN B 24 19.88 -37.51 -19.25
C ASN B 24 20.40 -36.56 -20.28
N ILE B 25 19.50 -35.79 -20.89
CA ILE B 25 19.93 -34.84 -21.88
C ILE B 25 20.92 -33.87 -21.25
N ALA B 26 20.55 -33.32 -20.11
CA ALA B 26 21.42 -32.41 -19.39
C ALA B 26 22.82 -33.01 -19.21
N VAL B 27 22.89 -34.29 -18.85
CA VAL B 27 24.18 -34.93 -18.67
C VAL B 27 24.95 -34.97 -19.98
N ARG B 28 24.31 -35.42 -21.05
CA ARG B 28 25.01 -35.44 -22.32
C ARG B 28 25.64 -34.08 -22.50
N LYS B 29 24.84 -33.03 -22.31
CA LYS B 29 25.36 -31.67 -22.42
C LYS B 29 26.67 -31.53 -21.66
N SER B 30 26.59 -31.61 -20.34
CA SER B 30 27.78 -31.48 -19.51
C SER B 30 28.98 -32.33 -19.95
N ARG B 31 28.80 -33.64 -20.02
CA ARG B 31 29.92 -34.48 -20.42
C ARG B 31 30.60 -33.85 -21.61
N ASP B 32 29.80 -33.44 -22.59
CA ASP B 32 30.34 -32.83 -23.79
C ASP B 32 31.15 -31.60 -23.41
N LYS B 33 30.54 -30.73 -22.60
CA LYS B 33 31.20 -29.52 -22.16
C LYS B 33 32.58 -29.75 -21.57
N ALA B 34 32.66 -30.54 -20.51
CA ALA B 34 33.94 -30.80 -19.88
C ALA B 34 34.92 -31.41 -20.87
N LYS B 35 34.50 -32.50 -21.53
CA LYS B 35 35.37 -33.16 -22.50
C LYS B 35 35.96 -32.07 -23.38
N MET B 36 35.14 -31.09 -23.74
CA MET B 36 35.58 -29.99 -24.57
C MET B 36 36.59 -29.06 -23.89
N ARG B 37 36.28 -28.59 -22.68
CA ARG B 37 37.21 -27.71 -21.98
C ARG B 37 38.55 -28.38 -21.92
N ASN B 38 38.56 -29.66 -21.53
CA ASN B 38 39.82 -30.37 -21.46
C ASN B 38 40.63 -30.18 -22.74
N LEU B 39 40.02 -30.49 -23.87
CA LEU B 39 40.73 -30.34 -25.14
C LEU B 39 41.26 -28.92 -25.29
N GLU B 40 40.35 -27.95 -25.26
CA GLU B 40 40.76 -26.56 -25.38
C GLU B 40 42.01 -26.31 -24.54
N THR B 41 42.09 -26.98 -23.40
CA THR B 41 43.24 -26.82 -22.52
C THR B 41 44.50 -27.34 -23.19
N GLN B 42 44.48 -28.59 -23.62
CA GLN B 42 45.64 -29.14 -24.30
C GLN B 42 46.05 -28.16 -25.38
N HIS B 43 45.06 -27.62 -26.08
CA HIS B 43 45.33 -26.65 -27.12
C HIS B 43 46.09 -25.49 -26.48
N LYS B 44 45.52 -24.96 -25.41
CA LYS B 44 46.13 -23.86 -24.68
C LYS B 44 47.55 -24.17 -24.26
N VAL B 45 47.87 -25.46 -24.10
CA VAL B 45 49.21 -25.84 -23.71
C VAL B 45 50.11 -25.82 -24.90
N LEU B 46 49.66 -26.36 -26.02
CA LEU B 46 50.51 -26.35 -27.20
C LEU B 46 50.80 -24.90 -27.51
N GLU B 47 49.71 -24.15 -27.72
CA GLU B 47 49.78 -22.74 -28.00
C GLU B 47 51.02 -22.17 -27.32
N LEU B 48 51.04 -22.26 -25.99
CA LEU B 48 52.17 -21.76 -25.21
C LEU B 48 53.48 -22.48 -25.47
N THR B 49 53.46 -23.79 -25.67
CA THR B 49 54.72 -24.47 -25.93
C THR B 49 55.30 -23.89 -27.19
N ALA B 50 54.45 -23.62 -28.17
CA ALA B 50 54.91 -23.03 -29.42
C ALA B 50 55.55 -21.69 -29.10
N GLU B 51 54.87 -20.89 -28.27
CA GLU B 51 55.42 -19.60 -27.90
C GLU B 51 56.74 -19.70 -27.13
N ASN B 52 56.89 -20.67 -26.25
CA ASN B 52 58.16 -20.78 -25.51
C ASN B 52 59.26 -21.18 -26.46
N GLU B 53 58.94 -22.01 -27.44
CA GLU B 53 59.96 -22.42 -28.38
C GLU B 53 60.34 -21.18 -29.18
N ARG B 54 59.34 -20.50 -29.72
CA ARG B 54 59.55 -19.29 -30.51
C ARG B 54 60.32 -18.25 -29.68
N LEU B 55 59.88 -18.00 -28.45
CA LEU B 55 60.53 -17.06 -27.56
C LEU B 55 61.96 -17.48 -27.29
N GLN B 56 62.14 -18.75 -26.96
CA GLN B 56 63.48 -19.29 -26.68
C GLN B 56 64.47 -19.12 -27.83
N LYS B 57 63.99 -19.26 -29.06
CA LYS B 57 64.87 -19.09 -30.22
C LYS B 57 65.34 -17.65 -30.34
N LYS B 58 64.39 -16.70 -30.37
CA LYS B 58 64.76 -15.29 -30.46
C LYS B 58 65.56 -14.82 -29.25
N VAL B 59 65.46 -15.53 -28.13
CA VAL B 59 66.21 -15.13 -26.95
C VAL B 59 67.68 -15.52 -27.10
N GLU B 60 67.93 -16.71 -27.64
CA GLU B 60 69.30 -17.14 -27.85
C GLU B 60 69.91 -16.32 -29.00
N GLN B 61 69.06 -15.66 -29.78
CA GLN B 61 69.52 -14.81 -30.88
C GLN B 61 70.03 -13.49 -30.31
N LEU B 62 69.13 -12.72 -29.70
CA LEU B 62 69.49 -11.44 -29.10
C LEU B 62 70.64 -11.55 -28.11
N SER B 63 71.01 -12.77 -27.73
CA SER B 63 72.10 -12.97 -26.80
C SER B 63 73.41 -13.12 -27.56
N ARG B 64 73.33 -13.74 -28.74
CA ARG B 64 74.50 -13.93 -29.58
C ARG B 64 74.87 -12.63 -30.28
N GLU B 65 73.85 -11.91 -30.71
CA GLU B 65 74.00 -10.63 -31.40
C GLU B 65 74.58 -9.53 -30.50
N LEU B 66 74.16 -9.51 -29.24
CA LEU B 66 74.65 -8.51 -28.31
C LEU B 66 75.95 -8.99 -27.67
N SER B 67 76.21 -10.30 -27.76
CA SER B 67 77.45 -10.83 -27.22
C SER B 67 78.51 -10.72 -28.31
N THR B 68 78.06 -10.59 -29.55
CA THR B 68 78.96 -10.44 -30.69
C THR B 68 79.36 -8.97 -30.80
N LEU B 69 78.37 -8.08 -30.78
CA LEU B 69 78.63 -6.64 -30.85
C LEU B 69 79.55 -6.23 -29.70
N ARG B 70 79.32 -6.83 -28.54
CA ARG B 70 80.12 -6.53 -27.36
C ARG B 70 81.53 -7.10 -27.54
N ASN B 71 81.65 -8.13 -28.37
CA ASN B 71 82.93 -8.78 -28.66
C ASN B 71 83.89 -7.89 -29.47
N LEU B 72 83.36 -7.23 -30.50
CA LEU B 72 84.17 -6.34 -31.32
C LEU B 72 84.59 -5.18 -30.43
N PHE B 73 83.65 -4.68 -29.65
CA PHE B 73 83.87 -3.58 -28.74
C PHE B 73 84.87 -3.95 -27.65
N LYS B 74 84.51 -4.93 -26.81
CA LYS B 74 85.35 -5.38 -25.71
C LYS B 74 86.79 -5.70 -26.10
N GLN B 75 86.99 -6.51 -27.14
CA GLN B 75 88.35 -6.87 -27.54
C GLN B 75 88.99 -5.93 -28.56
N LEU B 76 88.18 -5.11 -29.21
CA LEU B 76 88.69 -4.16 -30.21
C LEU B 76 89.43 -4.88 -31.34
N GLY C 1 41.19 -9.34 -7.82
CA GLY C 1 40.53 -8.20 -8.49
C GLY C 1 40.83 -6.91 -7.73
N GLU C 2 40.49 -5.77 -8.32
CA GLU C 2 40.72 -4.47 -7.70
C GLU C 2 40.72 -4.65 -6.17
N LEU C 3 41.61 -3.93 -5.49
CA LEU C 3 41.73 -4.02 -4.04
C LEU C 3 41.49 -2.70 -3.33
N VAL C 4 41.27 -2.80 -2.02
CA VAL C 4 40.97 -1.64 -1.22
C VAL C 4 41.71 -1.60 0.13
N ARG C 5 41.99 -0.38 0.59
CA ARG C 5 42.67 -0.17 1.87
C ARG C 5 41.81 -0.75 2.98
N THR C 6 42.43 -1.23 4.05
CA THR C 6 41.64 -1.76 5.15
C THR C 6 41.73 -0.78 6.32
N ASP C 7 41.20 -1.16 7.47
CA ASP C 7 41.27 -0.32 8.65
C ASP C 7 42.76 -0.12 8.89
N SER C 8 43.54 -1.14 8.57
CA SER C 8 44.99 -1.10 8.74
C SER C 8 45.68 -0.65 7.46
N PRO C 9 46.84 -0.01 7.61
CA PRO C 9 47.63 0.49 6.49
C PRO C 9 48.65 -0.55 6.00
N ASN C 10 48.63 -1.71 6.63
CA ASN C 10 49.55 -2.78 6.26
C ASN C 10 48.92 -3.80 5.31
N PHE C 11 47.60 -3.88 5.29
CA PHE C 11 46.94 -4.83 4.41
C PHE C 11 45.80 -4.33 3.54
N LEU C 12 45.80 -4.80 2.30
CA LEU C 12 44.79 -4.46 1.32
C LEU C 12 43.99 -5.73 1.11
N CYS C 13 42.79 -5.61 0.58
CA CYS C 13 41.99 -6.80 0.30
C CYS C 13 41.06 -6.54 -0.88
N SER C 14 40.48 -7.62 -1.41
CA SER C 14 39.58 -7.53 -2.55
C SER C 14 38.33 -6.71 -2.22
N VAL C 15 37.75 -6.10 -3.24
CA VAL C 15 36.54 -5.32 -3.04
C VAL C 15 35.42 -6.32 -3.10
N LEU C 16 34.33 -6.08 -2.39
CA LEU C 16 33.23 -7.00 -2.43
C LEU C 16 31.95 -6.38 -2.94
N PRO C 17 31.04 -7.23 -3.41
CA PRO C 17 29.77 -6.68 -3.90
C PRO C 17 29.08 -6.12 -2.67
N THR C 18 28.21 -5.14 -2.88
CA THR C 18 27.51 -4.50 -1.76
C THR C 18 26.55 -5.45 -1.07
N HIS C 19 25.92 -6.29 -1.88
CA HIS C 19 24.91 -7.25 -1.41
C HIS C 19 25.02 -8.56 -2.21
N TRP C 20 25.02 -9.70 -1.49
CA TRP C 20 25.13 -11.01 -2.14
C TRP C 20 24.36 -12.09 -1.40
N ARG C 21 23.96 -13.14 -2.14
CA ARG C 21 23.18 -14.26 -1.62
C ARG C 21 23.95 -15.25 -0.75
N CYS C 22 23.46 -15.46 0.47
CA CYS C 22 24.10 -16.38 1.39
C CYS C 22 24.38 -17.73 0.75
N ASN C 23 25.56 -18.25 1.06
CA ASN C 23 26.05 -19.52 0.56
C ASN C 23 26.27 -19.56 -0.94
N LYS C 24 26.31 -18.40 -1.59
CA LYS C 24 26.55 -18.38 -3.03
C LYS C 24 27.96 -17.89 -3.28
N THR C 25 28.57 -18.36 -4.36
CA THR C 25 29.93 -17.97 -4.70
C THR C 25 29.98 -16.51 -5.11
N LEU C 26 31.13 -15.87 -4.89
CA LEU C 26 31.25 -14.45 -5.22
C LEU C 26 31.82 -14.23 -6.62
N PRO C 27 31.54 -13.05 -7.19
CA PRO C 27 31.98 -12.68 -8.53
C PRO C 27 33.49 -12.71 -8.72
N ILE C 28 34.22 -12.51 -7.64
CA ILE C 28 35.67 -12.50 -7.72
C ILE C 28 36.21 -13.41 -6.64
N ALA C 29 37.53 -13.57 -6.61
CA ALA C 29 38.12 -14.42 -5.59
C ALA C 29 38.60 -13.49 -4.50
N PHE C 30 38.17 -13.75 -3.27
CA PHE C 30 38.61 -12.89 -2.19
C PHE C 30 40.06 -13.11 -1.82
N LYS C 31 40.84 -12.03 -1.85
CA LYS C 31 42.26 -12.13 -1.49
C LYS C 31 42.73 -10.98 -0.58
N VAL C 32 43.64 -11.31 0.33
CA VAL C 32 44.23 -10.36 1.27
C VAL C 32 45.68 -10.12 0.91
N VAL C 33 46.10 -8.86 0.92
CA VAL C 33 47.47 -8.52 0.56
C VAL C 33 48.17 -7.75 1.66
N ALA C 34 49.39 -8.17 1.98
CA ALA C 34 50.19 -7.53 3.02
C ALA C 34 51.26 -6.65 2.38
N LEU C 35 51.21 -5.37 2.71
CA LEU C 35 52.17 -4.43 2.17
C LEU C 35 53.52 -4.60 2.84
N GLY C 36 53.51 -4.99 4.12
CA GLY C 36 54.75 -5.19 4.82
C GLY C 36 55.35 -6.47 4.27
N ASP C 37 56.14 -7.16 5.09
CA ASP C 37 56.72 -8.41 4.64
C ASP C 37 56.15 -9.50 5.53
N VAL C 38 55.59 -10.54 4.93
CA VAL C 38 55.00 -11.63 5.71
C VAL C 38 55.34 -13.03 5.21
N PRO C 39 55.82 -13.90 6.13
CA PRO C 39 56.24 -15.30 5.95
C PRO C 39 55.20 -16.16 5.27
N ASP C 40 55.55 -16.70 4.11
CA ASP C 40 54.63 -17.55 3.38
C ASP C 40 54.14 -18.64 4.34
N GLY C 41 52.91 -19.10 4.15
CA GLY C 41 52.39 -20.13 5.04
C GLY C 41 51.70 -19.53 6.27
N THR C 42 51.65 -18.21 6.34
CA THR C 42 51.00 -17.55 7.46
C THR C 42 49.50 -17.70 7.32
N LEU C 43 48.90 -18.43 8.26
CA LEU C 43 47.46 -18.65 8.24
C LEU C 43 46.68 -17.37 8.44
N VAL C 44 45.67 -17.18 7.60
CA VAL C 44 44.81 -16.00 7.67
C VAL C 44 43.34 -16.40 7.74
N THR C 45 42.60 -15.75 8.62
CA THR C 45 41.19 -16.05 8.78
C THR C 45 40.32 -14.80 8.67
N VAL C 46 39.11 -14.99 8.19
CA VAL C 46 38.15 -13.91 8.00
C VAL C 46 36.88 -14.15 8.80
N MET C 47 36.46 -13.16 9.57
CA MET C 47 35.22 -13.32 10.32
C MET C 47 34.30 -12.22 9.85
N ALA C 48 33.00 -12.41 9.98
CA ALA C 48 32.03 -11.41 9.53
C ALA C 48 31.19 -10.89 10.69
N GLY C 49 31.27 -9.59 10.95
CA GLY C 49 30.51 -9.05 12.07
C GLY C 49 29.31 -8.20 11.71
N ASN C 50 28.50 -7.92 12.72
CA ASN C 50 27.30 -7.10 12.56
C ASN C 50 26.57 -6.89 13.89
N ASP C 51 25.98 -5.71 14.07
CA ASP C 51 25.24 -5.40 15.29
C ASP C 51 24.41 -6.62 15.61
N GLU C 52 23.49 -6.93 14.70
CA GLU C 52 22.61 -8.07 14.81
C GLU C 52 23.38 -9.37 15.10
N ASN C 53 23.98 -9.91 14.05
CA ASN C 53 24.77 -11.14 14.11
C ASN C 53 26.16 -10.84 14.65
N TYR C 54 26.54 -11.47 15.76
CA TYR C 54 27.87 -11.21 16.30
C TYR C 54 28.89 -11.72 15.28
N SER C 55 28.78 -13.00 14.94
CA SER C 55 29.67 -13.60 13.95
C SER C 55 28.82 -14.55 13.13
N ALA C 56 28.93 -14.43 11.81
CA ALA C 56 28.14 -15.26 10.93
C ALA C 56 28.94 -16.43 10.38
N GLU C 57 28.31 -17.59 10.35
CA GLU C 57 28.95 -18.78 9.85
C GLU C 57 29.51 -18.50 8.46
N LEU C 58 30.71 -19.01 8.19
CA LEU C 58 31.34 -18.82 6.88
C LEU C 58 31.93 -20.10 6.37
N ARG C 59 32.26 -20.12 5.08
CA ARG C 59 32.83 -21.30 4.45
C ARG C 59 34.11 -20.97 3.66
N ASN C 60 35.22 -21.55 4.09
CA ASN C 60 36.52 -21.32 3.47
C ASN C 60 37.03 -20.00 4.02
N ALA C 61 36.86 -19.81 5.32
CA ALA C 61 37.27 -18.59 6.00
C ALA C 61 38.71 -18.62 6.46
N THR C 62 39.49 -19.57 5.94
CA THR C 62 40.88 -19.67 6.34
C THR C 62 41.74 -19.83 5.09
N ALA C 63 42.95 -19.30 5.14
CA ALA C 63 43.85 -19.42 4.00
C ALA C 63 45.29 -19.16 4.35
N ALA C 64 46.17 -19.91 3.70
CA ALA C 64 47.59 -19.78 3.92
C ALA C 64 48.15 -18.68 3.05
N MET C 65 48.99 -17.84 3.66
CA MET C 65 49.62 -16.72 2.97
C MET C 65 50.66 -17.24 1.98
N LYS C 66 50.81 -16.55 0.87
CA LYS C 66 51.81 -16.97 -0.10
C LYS C 66 52.22 -15.86 -1.04
N ASN C 67 53.46 -15.41 -0.86
CA ASN C 67 54.02 -14.38 -1.69
C ASN C 67 53.31 -13.07 -1.38
N GLN C 68 53.14 -12.80 -0.10
CA GLN C 68 52.49 -11.59 0.37
C GLN C 68 51.00 -11.54 0.10
N VAL C 69 50.42 -12.66 -0.30
CA VAL C 69 48.99 -12.72 -0.55
C VAL C 69 48.35 -14.02 -0.09
N ALA C 70 47.14 -13.93 0.43
CA ALA C 70 46.40 -15.09 0.91
C ALA C 70 45.11 -15.23 0.13
N ARG C 71 45.22 -15.74 -1.09
CA ARG C 71 44.03 -15.90 -1.91
C ARG C 71 43.11 -16.92 -1.25
N PHE C 72 41.81 -16.67 -1.38
CA PHE C 72 40.79 -17.53 -0.81
C PHE C 72 40.01 -18.23 -1.90
N ASN C 73 39.78 -19.53 -1.72
CA ASN C 73 39.03 -20.31 -2.71
C ASN C 73 37.57 -20.32 -2.30
N ASP C 74 36.71 -19.86 -3.21
CA ASP C 74 35.27 -19.84 -2.98
C ASP C 74 34.95 -19.55 -1.52
N LEU C 75 35.27 -18.35 -1.08
CA LEU C 75 34.95 -18.00 0.29
C LEU C 75 33.44 -17.85 0.26
N ARG C 76 32.78 -18.10 1.38
CA ARG C 76 31.33 -18.00 1.37
C ARG C 76 30.68 -17.51 2.65
N PHE C 77 29.53 -16.86 2.49
CA PHE C 77 28.79 -16.32 3.62
C PHE C 77 27.52 -17.10 3.88
N VAL C 78 27.47 -17.75 5.03
CA VAL C 78 26.31 -18.53 5.41
C VAL C 78 25.30 -17.66 6.15
N GLY C 79 25.71 -17.11 7.29
CA GLY C 79 24.81 -16.28 8.07
C GLY C 79 24.36 -15.04 7.30
N ARG C 80 23.20 -14.49 7.67
CA ARG C 80 22.70 -13.30 6.98
C ARG C 80 23.07 -12.05 7.78
N SER C 81 22.90 -10.89 7.16
CA SER C 81 23.26 -9.63 7.81
C SER C 81 22.13 -8.79 8.38
N GLY C 82 20.88 -9.12 8.06
CA GLY C 82 19.77 -8.32 8.55
C GLY C 82 19.46 -7.19 7.57
N ARG C 83 18.18 -6.95 7.31
CA ARG C 83 17.76 -5.92 6.35
C ARG C 83 18.50 -4.59 6.46
N GLY C 84 19.00 -4.11 5.33
CA GLY C 84 19.72 -2.84 5.30
C GLY C 84 21.06 -2.79 6.00
N LYS C 85 21.36 -3.79 6.81
CA LYS C 85 22.64 -3.81 7.52
C LYS C 85 23.71 -4.57 6.75
N SER C 86 24.95 -4.11 6.88
CA SER C 86 26.07 -4.73 6.20
C SER C 86 27.00 -5.42 7.19
N PHE C 87 27.80 -6.33 6.68
CA PHE C 87 28.74 -7.06 7.52
C PHE C 87 30.07 -6.35 7.57
N THR C 88 30.67 -6.30 8.74
CA THR C 88 31.98 -5.68 8.88
C THR C 88 32.87 -6.83 9.26
N LEU C 89 33.63 -7.33 8.30
CA LEU C 89 34.48 -8.47 8.57
C LEU C 89 35.80 -8.14 9.19
N THR C 90 36.40 -9.17 9.76
CA THR C 90 37.66 -9.06 10.45
C THR C 90 38.74 -10.00 9.92
N ILE C 91 39.71 -9.42 9.22
CA ILE C 91 40.80 -10.22 8.71
C ILE C 91 41.77 -10.37 9.85
N THR C 92 42.30 -11.57 10.03
CA THR C 92 43.23 -11.81 11.12
C THR C 92 44.46 -12.58 10.68
N VAL C 93 45.55 -11.87 10.44
CA VAL C 93 46.81 -12.47 10.01
C VAL C 93 47.48 -13.14 11.19
N PHE C 94 47.77 -14.43 11.08
CA PHE C 94 48.40 -15.16 12.16
C PHE C 94 49.93 -15.18 12.16
N THR C 95 50.52 -14.07 12.58
CA THR C 95 51.98 -13.94 12.66
C THR C 95 52.35 -13.74 14.12
N ASN C 96 53.61 -13.40 14.38
CA ASN C 96 54.08 -13.17 15.73
C ASN C 96 54.38 -11.70 15.99
N PRO C 97 53.44 -10.99 16.61
CA PRO C 97 52.15 -11.55 17.04
C PRO C 97 51.05 -11.40 15.99
N PRO C 98 49.90 -12.04 16.22
CA PRO C 98 48.77 -11.96 15.29
C PRO C 98 48.39 -10.52 14.98
N GLN C 99 48.13 -10.23 13.71
CA GLN C 99 47.74 -8.88 13.30
C GLN C 99 46.28 -8.82 12.86
N VAL C 100 45.65 -7.67 13.06
CA VAL C 100 44.23 -7.49 12.72
C VAL C 100 43.94 -6.35 11.75
N ALA C 101 42.94 -6.56 10.90
CA ALA C 101 42.52 -5.57 9.91
C ALA C 101 41.01 -5.58 9.76
N THR C 102 40.43 -4.43 9.42
CA THR C 102 38.99 -4.36 9.26
C THR C 102 38.52 -3.54 8.06
N TYR C 103 37.48 -4.07 7.40
CA TYR C 103 36.83 -3.49 6.21
C TYR C 103 35.44 -3.23 6.76
N HIS C 104 35.10 -1.96 6.94
CA HIS C 104 33.80 -1.61 7.51
C HIS C 104 32.63 -1.61 6.53
N ARG C 105 31.47 -2.08 6.99
CA ARG C 105 30.25 -2.14 6.17
C ARG C 105 30.62 -2.66 4.80
N ALA C 106 31.22 -3.85 4.78
CA ALA C 106 31.70 -4.46 3.55
C ALA C 106 30.70 -5.13 2.62
N ILE C 107 29.98 -6.13 3.11
CA ILE C 107 29.01 -6.86 2.27
C ILE C 107 27.67 -7.14 2.96
N LYS C 108 26.62 -7.28 2.17
CA LYS C 108 25.27 -7.54 2.69
C LYS C 108 24.78 -8.91 2.30
N ILE C 109 24.47 -9.72 3.32
CA ILE C 109 24.01 -11.09 3.12
C ILE C 109 22.51 -11.35 3.35
N THR C 110 21.78 -11.50 2.24
CA THR C 110 20.35 -11.78 2.28
C THR C 110 20.14 -13.18 1.72
N VAL C 111 18.98 -13.75 1.99
CA VAL C 111 18.67 -15.10 1.54
C VAL C 111 18.50 -15.20 0.03
N ASP C 112 18.18 -14.07 -0.59
CA ASP C 112 17.98 -14.06 -2.03
C ASP C 112 19.15 -13.44 -2.77
N GLY C 113 19.84 -12.53 -2.13
CA GLY C 113 20.92 -11.86 -2.81
C GLY C 113 20.21 -10.93 -3.79
N PRO C 114 20.94 -10.19 -4.61
CA PRO C 114 20.23 -9.31 -5.54
C PRO C 114 19.27 -10.06 -6.44
N ARG C 115 18.07 -9.53 -6.60
CA ARG C 115 17.06 -10.14 -7.45
C ARG C 115 16.51 -9.06 -8.34
N GLU C 116 15.81 -9.49 -9.39
CA GLU C 116 15.19 -8.56 -10.32
C GLU C 116 13.86 -8.15 -9.71
N PRO C 117 13.54 -6.85 -9.73
CA PRO C 117 12.26 -6.42 -9.17
C PRO C 117 11.14 -7.31 -9.67
N ARG C 118 10.15 -7.59 -8.82
CA ARG C 118 9.04 -8.45 -9.20
C ARG C 118 8.04 -7.73 -10.10
N ARG C 119 7.70 -8.35 -11.23
CA ARG C 119 6.77 -7.76 -12.19
C ARG C 119 5.31 -7.83 -11.79
N HIS C 120 4.94 -7.10 -10.76
CA HIS C 120 3.56 -7.09 -10.32
C HIS C 120 2.95 -5.72 -10.60
N ASP D 10 8.18 27.51 1.09
CA ASP D 10 7.53 28.68 0.44
C ASP D 10 6.10 28.34 0.09
N LYS D 11 5.21 29.32 0.15
CA LYS D 11 3.80 29.11 -0.18
C LYS D 11 3.42 29.76 -1.50
N HIS D 12 4.43 30.11 -2.29
CA HIS D 12 4.20 30.71 -3.60
C HIS D 12 4.91 29.93 -4.69
N SER D 13 5.42 28.76 -4.31
CA SER D 13 6.11 27.90 -5.26
C SER D 13 5.04 27.16 -6.05
N ASP D 14 5.32 26.88 -7.32
CA ASP D 14 4.35 26.20 -8.13
C ASP D 14 4.03 24.80 -7.62
N GLU D 15 5.04 24.07 -7.18
CA GLU D 15 4.77 22.72 -6.67
C GLU D 15 3.71 22.77 -5.58
N TYR D 16 3.70 23.85 -4.82
CA TYR D 16 2.71 24.02 -3.76
C TYR D 16 1.40 24.45 -4.38
N LYS D 17 1.45 25.57 -5.09
CA LYS D 17 0.27 26.11 -5.76
C LYS D 17 -0.51 25.00 -6.46
N ILE D 18 0.22 24.08 -7.06
CA ILE D 18 -0.40 22.97 -7.78
C ILE D 18 -0.87 21.89 -6.83
N ARG D 19 -0.01 21.49 -5.89
CA ARG D 19 -0.37 20.46 -4.91
C ARG D 19 -1.56 20.99 -4.13
N ARG D 20 -1.69 22.31 -4.13
CA ARG D 20 -2.78 22.99 -3.45
C ARG D 20 -4.05 22.73 -4.26
N GLU D 21 -4.10 23.31 -5.46
CA GLU D 21 -5.26 23.16 -6.34
C GLU D 21 -5.75 21.73 -6.38
N ARG D 22 -4.86 20.78 -6.08
CA ARG D 22 -5.24 19.39 -6.07
C ARG D 22 -6.05 19.06 -4.82
N ASN D 23 -5.42 19.16 -3.65
CA ASN D 23 -6.15 18.84 -2.41
C ASN D 23 -7.52 19.45 -2.48
N ASN D 24 -7.59 20.64 -3.04
CA ASN D 24 -8.86 21.31 -3.15
C ASN D 24 -9.92 20.50 -3.92
N ILE D 25 -9.78 20.33 -5.22
CA ILE D 25 -10.80 19.60 -5.95
C ILE D 25 -11.07 18.25 -5.29
N ALA D 26 -10.02 17.64 -4.75
CA ALA D 26 -10.12 16.34 -4.10
C ALA D 26 -10.87 16.42 -2.76
N VAL D 27 -10.86 17.60 -2.15
CA VAL D 27 -11.57 17.77 -0.89
C VAL D 27 -13.03 18.11 -1.23
N ARG D 28 -13.23 18.97 -2.22
CA ARG D 28 -14.58 19.37 -2.62
C ARG D 28 -15.35 18.09 -2.84
N LYS D 29 -14.82 17.28 -3.74
CA LYS D 29 -15.41 16.00 -4.09
C LYS D 29 -15.94 15.34 -2.82
N SER D 30 -15.03 14.89 -1.96
CA SER D 30 -15.43 14.24 -0.72
C SER D 30 -16.52 15.02 0.01
N ARG D 31 -16.22 16.26 0.37
CA ARG D 31 -17.21 17.11 1.07
C ARG D 31 -18.59 16.91 0.50
N ASP D 32 -18.78 17.39 -0.74
CA ASP D 32 -20.07 17.23 -1.39
C ASP D 32 -20.57 15.77 -1.42
N LYS D 33 -19.69 14.78 -1.28
CA LYS D 33 -20.18 13.40 -1.28
C LYS D 33 -20.91 13.09 0.02
N ALA D 34 -20.29 13.46 1.14
CA ALA D 34 -20.90 13.23 2.44
C ALA D 34 -22.11 14.15 2.56
N LYS D 35 -22.11 15.19 1.73
CA LYS D 35 -23.21 16.14 1.70
C LYS D 35 -24.44 15.35 1.31
N MET D 36 -24.37 14.71 0.14
CA MET D 36 -25.46 13.88 -0.37
C MET D 36 -25.78 12.81 0.66
N ARG D 37 -24.79 11.99 0.98
CA ARG D 37 -24.96 10.92 1.97
C ARG D 37 -25.90 11.39 3.09
N ASN D 38 -25.53 12.50 3.73
CA ASN D 38 -26.32 13.06 4.81
C ASN D 38 -27.79 13.20 4.45
N LEU D 39 -28.05 13.85 3.32
CA LEU D 39 -29.42 14.05 2.86
C LEU D 39 -30.14 12.72 2.77
N GLU D 40 -29.59 11.82 1.94
CA GLU D 40 -30.18 10.51 1.74
C GLU D 40 -30.47 9.86 3.08
N THR D 41 -29.53 9.97 4.01
CA THR D 41 -29.76 9.40 5.33
C THR D 41 -30.93 10.12 5.94
N GLN D 42 -30.89 11.44 5.94
CA GLN D 42 -31.98 12.22 6.50
C GLN D 42 -33.30 11.83 5.88
N HIS D 43 -33.35 11.82 4.55
CA HIS D 43 -34.57 11.46 3.86
C HIS D 43 -35.07 10.10 4.31
N LYS D 44 -34.12 9.19 4.54
CA LYS D 44 -34.44 7.83 4.96
C LYS D 44 -35.05 7.77 6.36
N VAL D 45 -34.66 8.70 7.23
CA VAL D 45 -35.22 8.72 8.57
C VAL D 45 -36.66 9.14 8.40
N LEU D 46 -36.86 10.15 7.58
CA LEU D 46 -38.19 10.67 7.29
C LEU D 46 -39.12 9.47 7.07
N GLU D 47 -38.87 8.71 6.00
CA GLU D 47 -39.70 7.56 5.70
C GLU D 47 -39.90 6.67 6.91
N LEU D 48 -38.81 6.26 7.53
CA LEU D 48 -38.87 5.41 8.70
C LEU D 48 -39.82 5.99 9.74
N THR D 49 -39.74 7.30 9.93
CA THR D 49 -40.58 7.95 10.91
C THR D 49 -42.05 7.82 10.51
N ALA D 50 -42.37 8.20 9.27
CA ALA D 50 -43.74 8.11 8.80
C ALA D 50 -44.25 6.70 9.01
N GLU D 51 -43.60 5.76 8.33
CA GLU D 51 -43.96 4.35 8.43
C GLU D 51 -44.09 3.91 9.87
N ASN D 52 -43.29 4.48 10.76
CA ASN D 52 -43.37 4.10 12.17
C ASN D 52 -44.67 4.64 12.76
N GLU D 53 -44.97 5.89 12.45
CA GLU D 53 -46.20 6.49 12.96
C GLU D 53 -47.39 5.67 12.44
N ARG D 54 -47.28 5.21 11.19
CA ARG D 54 -48.34 4.42 10.55
C ARG D 54 -48.52 3.05 11.19
N LEU D 55 -47.53 2.59 11.93
CA LEU D 55 -47.63 1.28 12.57
C LEU D 55 -48.19 1.43 13.97
N GLN D 56 -47.75 2.47 14.68
CA GLN D 56 -48.26 2.70 16.03
C GLN D 56 -49.78 2.82 15.99
N LYS D 57 -50.31 3.39 14.92
CA LYS D 57 -51.75 3.55 14.79
C LYS D 57 -52.43 2.20 14.53
N LYS D 58 -51.75 1.29 13.83
CA LYS D 58 -52.34 -0.01 13.55
C LYS D 58 -52.47 -0.78 14.85
N VAL D 59 -51.44 -0.74 15.68
CA VAL D 59 -51.58 -1.43 16.96
C VAL D 59 -52.77 -0.87 17.71
N GLU D 60 -52.97 0.44 17.63
CA GLU D 60 -54.11 1.11 18.26
C GLU D 60 -55.43 0.56 17.73
N GLN D 61 -55.60 0.52 16.41
CA GLN D 61 -56.83 0.01 15.82
C GLN D 61 -57.08 -1.35 16.45
N LEU D 62 -56.16 -2.27 16.22
CA LEU D 62 -56.24 -3.63 16.75
C LEU D 62 -56.55 -3.62 18.25
N SER D 63 -55.93 -2.70 18.97
CA SER D 63 -56.16 -2.57 20.40
C SER D 63 -57.67 -2.44 20.63
N ARG D 64 -58.21 -1.27 20.31
CA ARG D 64 -59.64 -1.00 20.50
C ARG D 64 -60.50 -2.12 19.96
N GLU D 65 -60.28 -2.48 18.70
CA GLU D 65 -61.07 -3.52 18.05
C GLU D 65 -61.16 -4.72 18.95
N LEU D 66 -60.02 -5.16 19.48
CA LEU D 66 -59.99 -6.31 20.38
C LEU D 66 -60.72 -6.00 21.69
N SER D 67 -60.42 -4.85 22.28
CA SER D 67 -61.06 -4.45 23.53
C SER D 67 -62.58 -4.55 23.36
N THR D 68 -63.05 -4.19 22.17
CA THR D 68 -64.48 -4.21 21.86
C THR D 68 -65.10 -5.61 21.83
N LEU D 69 -64.42 -6.57 21.20
CA LEU D 69 -64.95 -7.92 21.13
C LEU D 69 -64.87 -8.61 22.49
N ARG D 70 -63.76 -8.43 23.19
CA ARG D 70 -63.60 -9.03 24.51
C ARG D 70 -64.79 -8.62 25.36
N ASN D 71 -65.07 -7.32 25.40
CA ASN D 71 -66.19 -6.79 26.16
C ASN D 71 -67.49 -7.42 25.69
N LEU D 72 -67.63 -7.56 24.38
CA LEU D 72 -68.83 -8.15 23.79
C LEU D 72 -68.91 -9.64 24.15
N PHE D 73 -67.76 -10.29 24.15
CA PHE D 73 -67.65 -11.70 24.48
C PHE D 73 -68.10 -11.95 25.92
N LYS D 74 -67.43 -11.30 26.86
CA LYS D 74 -67.75 -11.42 28.29
C LYS D 74 -69.24 -11.22 28.54
N GLN D 75 -69.74 -10.04 28.16
CA GLN D 75 -71.14 -9.66 28.35
C GLN D 75 -72.19 -10.69 27.95
N LEU D 76 -72.12 -11.19 26.72
CA LEU D 76 -73.10 -12.17 26.25
C LEU D 76 -72.56 -13.61 26.23
N PRO D 77 -72.75 -14.36 27.33
CA PRO D 77 -72.28 -15.74 27.42
C PRO D 77 -73.20 -16.70 26.65
N ASP E 10 -8.96 47.68 8.52
CA ASP E 10 -7.80 47.23 9.36
C ASP E 10 -8.08 45.89 10.00
N LYS E 11 -7.20 44.92 9.76
CA LYS E 11 -7.37 43.59 10.32
C LYS E 11 -6.43 43.31 11.49
N HIS E 12 -6.15 44.35 12.26
CA HIS E 12 -5.29 44.25 13.44
C HIS E 12 -6.00 44.88 14.64
N SER E 13 -7.20 45.41 14.41
CA SER E 13 -7.93 46.06 15.48
C SER E 13 -8.31 45.13 16.62
N ASP E 14 -8.11 45.59 17.84
CA ASP E 14 -8.49 44.79 19.00
C ASP E 14 -9.90 44.30 18.71
N GLU E 15 -10.75 45.19 18.23
CA GLU E 15 -12.12 44.85 17.90
C GLU E 15 -12.15 43.68 16.91
N TYR E 16 -11.43 43.80 15.80
CA TYR E 16 -11.39 42.74 14.80
C TYR E 16 -11.06 41.41 15.43
N LYS E 17 -9.85 41.28 15.95
CA LYS E 17 -9.43 40.03 16.56
C LYS E 17 -10.51 39.43 17.45
N ILE E 18 -10.70 39.97 18.65
CA ILE E 18 -11.72 39.45 19.56
C ILE E 18 -12.94 38.93 18.81
N ARG E 19 -13.43 39.71 17.87
CA ARG E 19 -14.61 39.31 17.09
C ARG E 19 -14.29 38.05 16.31
N ARG E 20 -13.13 38.04 15.67
CA ARG E 20 -12.72 36.90 14.88
C ARG E 20 -12.57 35.66 15.76
N GLU E 21 -11.71 35.75 16.78
CA GLU E 21 -11.48 34.66 17.71
C GLU E 21 -12.75 34.15 18.40
N ARG E 22 -13.69 35.05 18.67
CA ARG E 22 -14.94 34.67 19.33
C ARG E 22 -15.76 33.81 18.39
N ASN E 23 -15.66 34.12 17.11
CA ASN E 23 -16.40 33.40 16.10
C ASN E 23 -15.83 32.00 15.96
N ASN E 24 -14.52 31.90 15.94
CA ASN E 24 -13.87 30.60 15.82
C ASN E 24 -14.39 29.65 16.86
N ILE E 25 -14.78 30.19 18.00
CA ILE E 25 -15.32 29.33 19.05
C ILE E 25 -16.73 28.99 18.63
N ALA E 26 -17.47 30.01 18.22
CA ALA E 26 -18.84 29.84 17.78
C ALA E 26 -18.87 28.71 16.77
N VAL E 27 -17.92 28.73 15.85
CA VAL E 27 -17.83 27.69 14.83
C VAL E 27 -17.42 26.34 15.37
N ARG E 28 -16.35 26.29 16.15
CA ARG E 28 -15.91 25.03 16.74
C ARG E 28 -17.13 24.36 17.39
N LYS E 29 -17.87 25.12 18.20
CA LYS E 29 -19.06 24.62 18.88
C LYS E 29 -20.09 24.11 17.89
N SER E 30 -20.42 24.96 16.92
CA SER E 30 -21.41 24.63 15.91
C SER E 30 -21.04 23.35 15.19
N ARG E 31 -19.82 23.28 14.65
CA ARG E 31 -19.38 22.09 13.94
C ARG E 31 -19.60 20.89 14.81
N ASP E 32 -19.05 20.89 16.02
CA ASP E 32 -19.23 19.72 16.86
C ASP E 32 -20.71 19.41 17.07
N LYS E 33 -21.54 20.45 17.07
CA LYS E 33 -22.97 20.25 17.25
C LYS E 33 -23.57 19.44 16.11
N ALA E 34 -23.10 19.69 14.89
CA ALA E 34 -23.63 18.99 13.73
C ALA E 34 -23.01 17.59 13.60
N LYS E 35 -21.77 17.44 14.05
CA LYS E 35 -21.12 16.14 13.98
C LYS E 35 -22.03 15.15 14.72
N MET E 36 -22.56 15.60 15.85
CA MET E 36 -23.46 14.79 16.65
C MET E 36 -24.77 14.54 15.90
N ARG E 37 -25.35 15.64 15.45
CA ARG E 37 -26.58 15.60 14.69
C ARG E 37 -26.50 14.46 13.68
N ASN E 38 -25.57 14.56 12.74
CA ASN E 38 -25.43 13.54 11.72
C ASN E 38 -25.22 12.12 12.20
N LEU E 39 -24.44 11.94 13.27
CA LEU E 39 -24.21 10.60 13.80
C LEU E 39 -25.35 10.14 14.67
N GLU E 40 -26.13 11.08 15.18
CA GLU E 40 -27.26 10.72 16.01
C GLU E 40 -28.45 10.38 15.13
N THR E 41 -28.38 10.80 13.87
CA THR E 41 -29.44 10.52 12.92
C THR E 41 -29.24 9.09 12.47
N GLN E 42 -28.02 8.77 12.08
CA GLN E 42 -27.69 7.41 11.65
C GLN E 42 -28.11 6.45 12.76
N HIS E 43 -27.82 6.81 14.01
CA HIS E 43 -28.21 5.94 15.12
C HIS E 43 -29.72 5.79 15.12
N LYS E 44 -30.43 6.91 14.97
CA LYS E 44 -31.88 6.88 14.97
C LYS E 44 -32.35 5.84 13.95
N VAL E 45 -32.03 6.08 12.69
CA VAL E 45 -32.42 5.18 11.61
C VAL E 45 -32.34 3.73 12.00
N LEU E 46 -31.13 3.28 12.28
CA LEU E 46 -30.93 1.89 12.65
C LEU E 46 -31.90 1.43 13.74
N GLU E 47 -32.07 2.24 14.79
CA GLU E 47 -32.97 1.87 15.88
C GLU E 47 -34.46 1.91 15.55
N LEU E 48 -34.81 2.66 14.51
CA LEU E 48 -36.20 2.71 14.08
C LEU E 48 -36.45 1.43 13.31
N THR E 49 -35.64 1.23 12.27
CA THR E 49 -35.75 0.04 11.41
C THR E 49 -36.00 -1.17 12.30
N ALA E 50 -35.24 -1.29 13.37
CA ALA E 50 -35.39 -2.40 14.29
C ALA E 50 -36.71 -2.28 15.05
N GLU E 51 -37.17 -1.07 15.29
CA GLU E 51 -38.43 -0.87 16.01
C GLU E 51 -39.63 -1.11 15.12
N ASN E 52 -39.49 -0.91 13.83
CA ASN E 52 -40.60 -1.16 12.94
C ASN E 52 -40.82 -2.67 12.89
N GLU E 53 -39.75 -3.41 12.60
CA GLU E 53 -39.84 -4.87 12.54
C GLU E 53 -40.61 -5.42 13.72
N ARG E 54 -40.32 -4.92 14.91
CA ARG E 54 -40.99 -5.34 16.14
C ARG E 54 -42.48 -5.03 16.03
N LEU E 55 -42.78 -3.80 15.62
CA LEU E 55 -44.17 -3.40 15.48
C LEU E 55 -44.94 -4.22 14.47
N GLN E 56 -44.37 -4.42 13.29
CA GLN E 56 -45.04 -5.18 12.25
C GLN E 56 -45.50 -6.54 12.78
N LYS E 57 -44.61 -7.25 13.47
CA LYS E 57 -44.94 -8.56 14.03
C LYS E 57 -46.07 -8.35 15.02
N LYS E 58 -45.85 -7.47 15.99
CA LYS E 58 -46.87 -7.17 17.01
C LYS E 58 -48.21 -6.86 16.39
N VAL E 59 -48.17 -6.28 15.20
CA VAL E 59 -49.36 -5.92 14.44
C VAL E 59 -49.92 -7.16 13.80
N GLU E 60 -49.07 -7.87 13.08
CA GLU E 60 -49.46 -9.11 12.41
C GLU E 60 -50.10 -10.03 13.45
N GLN E 61 -49.31 -10.38 14.46
CA GLN E 61 -49.75 -11.24 15.55
C GLN E 61 -51.11 -10.80 16.06
N LEU E 62 -51.23 -9.50 16.31
CA LEU E 62 -52.47 -8.94 16.82
C LEU E 62 -53.66 -9.07 15.87
N SER E 63 -53.42 -8.93 14.57
CA SER E 63 -54.49 -9.04 13.60
C SER E 63 -55.00 -10.48 13.59
N ARG E 64 -54.07 -11.45 13.59
CA ARG E 64 -54.37 -12.88 13.58
C ARG E 64 -55.32 -13.16 14.75
N GLU E 65 -54.93 -12.67 15.92
CA GLU E 65 -55.72 -12.83 17.13
C GLU E 65 -57.13 -12.29 16.88
N LEU E 66 -57.23 -11.09 16.33
CA LEU E 66 -58.55 -10.53 16.06
C LEU E 66 -59.27 -11.37 15.01
N SER E 67 -58.64 -11.55 13.86
CA SER E 67 -59.24 -12.33 12.79
C SER E 67 -59.95 -13.55 13.32
N THR E 68 -59.21 -14.39 14.03
CA THR E 68 -59.73 -15.62 14.61
C THR E 68 -60.96 -15.43 15.49
N LEU E 69 -60.83 -14.64 16.55
CA LEU E 69 -61.96 -14.38 17.43
C LEU E 69 -63.16 -14.03 16.56
N ARG E 70 -62.97 -13.12 15.62
CA ARG E 70 -64.02 -12.71 14.71
C ARG E 70 -64.66 -13.96 14.09
N ASN E 71 -63.89 -14.70 13.28
CA ASN E 71 -64.36 -15.94 12.64
C ASN E 71 -65.22 -16.79 13.56
N LEU E 72 -64.90 -16.77 14.86
CA LEU E 72 -65.70 -17.52 15.82
C LEU E 72 -67.10 -16.97 15.71
N PHE E 73 -67.25 -15.72 16.13
CA PHE E 73 -68.54 -15.04 16.06
C PHE E 73 -69.11 -15.15 14.66
N LYS E 74 -68.25 -14.97 13.67
CA LYS E 74 -68.65 -15.03 12.27
C LYS E 74 -69.26 -16.37 11.91
N GLN E 75 -68.71 -17.44 12.48
CA GLN E 75 -69.18 -18.80 12.20
C GLN E 75 -70.50 -19.10 12.90
N LEU E 76 -70.68 -18.59 14.12
CA LEU E 76 -71.91 -18.83 14.87
C LEU E 76 -72.57 -17.54 15.35
N PRO E 77 -73.86 -17.35 14.99
CA PRO E 77 -74.65 -16.18 15.38
C PRO E 77 -75.55 -16.47 16.59
N GLY F 1 -48.17 19.95 12.66
CA GLY F 1 -48.75 19.93 14.05
C GLY F 1 -50.26 19.72 14.06
N GLU F 2 -50.89 20.13 15.16
CA GLU F 2 -52.33 20.01 15.32
C GLU F 2 -53.01 20.84 14.22
N LEU F 3 -54.16 20.41 13.73
CA LEU F 3 -54.84 21.17 12.67
C LEU F 3 -56.11 21.92 13.04
N VAL F 4 -56.60 22.72 12.08
CA VAL F 4 -57.81 23.50 12.29
C VAL F 4 -58.56 23.68 10.98
N ARG F 5 -59.89 23.82 11.06
CA ARG F 5 -60.73 23.98 9.87
C ARG F 5 -60.63 25.37 9.28
N THR F 6 -60.86 25.48 7.97
CA THR F 6 -60.82 26.79 7.33
C THR F 6 -62.25 27.22 7.01
N ASP F 7 -62.39 28.24 6.17
CA ASP F 7 -63.71 28.70 5.75
C ASP F 7 -64.36 27.61 4.94
N SER F 8 -63.54 26.88 4.20
CA SER F 8 -64.01 25.76 3.39
C SER F 8 -64.02 24.47 4.20
N PRO F 9 -64.90 23.53 3.84
CA PRO F 9 -64.98 22.26 4.56
C PRO F 9 -64.06 21.19 3.98
N ASN F 10 -63.44 21.49 2.83
CA ASN F 10 -62.56 20.53 2.19
C ASN F 10 -61.08 20.74 2.48
N PHE F 11 -60.76 21.65 3.40
CA PHE F 11 -59.36 21.88 3.72
C PHE F 11 -59.09 22.17 5.19
N LEU F 12 -57.94 21.71 5.67
CA LEU F 12 -57.53 21.94 7.05
C LEU F 12 -56.12 22.48 6.97
N CYS F 13 -55.68 23.17 8.00
CA CYS F 13 -54.32 23.70 7.98
C CYS F 13 -53.77 23.70 9.40
N SER F 14 -52.45 23.82 9.50
CA SER F 14 -51.79 23.81 10.80
C SER F 14 -52.31 24.93 11.68
N VAL F 15 -52.09 24.78 12.98
CA VAL F 15 -52.53 25.80 13.92
C VAL F 15 -51.33 26.66 14.20
N LEU F 16 -51.35 27.88 13.69
CA LEU F 16 -50.22 28.78 13.87
C LEU F 16 -50.22 29.38 15.25
N PRO F 17 -49.14 30.07 15.60
CA PRO F 17 -48.97 30.72 16.89
C PRO F 17 -49.87 31.93 16.96
N THR F 18 -50.19 32.34 18.18
CA THR F 18 -51.03 33.50 18.38
C THR F 18 -50.28 34.74 17.94
N HIS F 19 -48.96 34.73 18.18
CA HIS F 19 -48.12 35.88 17.88
C HIS F 19 -46.65 35.51 17.68
N TRP F 20 -46.12 35.88 16.51
CA TRP F 20 -44.74 35.59 16.14
C TRP F 20 -44.02 36.83 15.64
N ARG F 21 -42.72 36.67 15.40
CA ARG F 21 -41.83 37.73 14.94
C ARG F 21 -41.68 37.78 13.42
N CYS F 22 -41.50 38.97 12.87
CA CYS F 22 -41.34 39.10 11.41
C CYS F 22 -40.21 38.23 11.00
N ASN F 23 -40.16 38.00 9.69
CA ASN F 23 -39.14 37.18 9.06
C ASN F 23 -38.59 36.04 9.90
N LYS F 24 -39.36 35.54 10.86
CA LYS F 24 -38.85 34.48 11.73
C LYS F 24 -39.44 33.16 11.35
N THR F 25 -38.71 32.09 11.65
CA THR F 25 -39.17 30.75 11.32
C THR F 25 -40.17 30.21 12.30
N LEU F 26 -41.15 29.50 11.75
CA LEU F 26 -42.26 28.95 12.51
C LEU F 26 -42.01 27.74 13.38
N PRO F 27 -42.60 27.71 14.57
CA PRO F 27 -42.42 26.60 15.50
C PRO F 27 -42.80 25.27 14.88
N ILE F 28 -43.69 25.32 13.88
CA ILE F 28 -44.10 24.09 13.21
C ILE F 28 -44.19 24.24 11.71
N ALA F 29 -44.25 23.12 11.01
CA ALA F 29 -44.32 23.16 9.55
C ALA F 29 -45.74 23.46 9.18
N PHE F 30 -45.95 24.44 8.32
CA PHE F 30 -47.30 24.80 7.91
C PHE F 30 -47.78 23.95 6.77
N LYS F 31 -48.88 23.22 7.02
CA LYS F 31 -49.45 22.30 6.04
C LYS F 31 -50.94 22.48 5.76
N VAL F 32 -51.31 22.33 4.50
CA VAL F 32 -52.71 22.42 4.10
C VAL F 32 -53.16 21.00 3.79
N VAL F 33 -54.30 20.61 4.34
CA VAL F 33 -54.81 19.27 4.16
C VAL F 33 -56.12 19.29 3.41
N ALA F 34 -56.17 18.53 2.31
CA ALA F 34 -57.37 18.47 1.50
C ALA F 34 -58.10 17.18 1.81
N LEU F 35 -59.35 17.31 2.23
CA LEU F 35 -60.18 16.16 2.57
C LEU F 35 -60.72 15.50 1.32
N GLY F 36 -60.94 16.32 0.29
CA GLY F 36 -61.43 15.79 -0.96
C GLY F 36 -60.29 15.14 -1.73
N ASP F 37 -60.43 15.10 -3.05
CA ASP F 37 -59.41 14.50 -3.88
C ASP F 37 -58.78 15.55 -4.76
N VAL F 38 -57.57 15.98 -4.37
CA VAL F 38 -56.86 16.97 -5.15
C VAL F 38 -55.60 16.32 -5.70
N PRO F 39 -55.53 16.21 -7.03
CA PRO F 39 -54.38 15.59 -7.71
C PRO F 39 -53.09 16.23 -7.23
N ASP F 40 -52.01 15.46 -7.26
CA ASP F 40 -50.72 15.97 -6.84
C ASP F 40 -50.19 16.96 -7.87
N GLY F 41 -49.21 17.77 -7.47
CA GLY F 41 -48.69 18.75 -8.39
C GLY F 41 -49.46 20.04 -8.22
N THR F 42 -50.76 19.92 -7.91
CA THR F 42 -51.63 21.08 -7.71
C THR F 42 -50.91 22.09 -6.82
N LEU F 43 -50.80 23.32 -7.29
CA LEU F 43 -50.10 24.34 -6.53
C LEU F 43 -50.93 25.05 -5.47
N VAL F 44 -50.29 25.35 -4.35
CA VAL F 44 -50.97 26.04 -3.27
C VAL F 44 -50.15 27.23 -2.84
N THR F 45 -50.84 28.34 -2.65
CA THR F 45 -50.18 29.56 -2.21
C THR F 45 -51.04 30.18 -1.15
N VAL F 46 -50.39 30.80 -0.19
CA VAL F 46 -51.08 31.44 0.89
C VAL F 46 -50.62 32.90 0.89
N MET F 47 -51.53 33.81 1.24
CA MET F 47 -51.25 35.24 1.32
C MET F 47 -51.87 35.65 2.63
N ALA F 48 -51.30 36.69 3.25
CA ALA F 48 -51.82 37.14 4.53
C ALA F 48 -52.23 38.59 4.47
N GLY F 49 -53.51 38.86 4.69
CA GLY F 49 -53.95 40.23 4.64
C GLY F 49 -54.47 40.71 5.96
N ASN F 50 -55.03 41.92 5.94
CA ASN F 50 -55.62 42.48 7.15
C ASN F 50 -56.29 43.83 6.93
N ASP F 51 -56.97 44.32 7.97
CA ASP F 51 -57.70 45.58 7.94
C ASP F 51 -56.83 46.66 7.27
N GLU F 52 -55.65 46.90 7.86
CA GLU F 52 -54.70 47.88 7.33
C GLU F 52 -53.85 47.23 6.23
N ASN F 53 -53.01 46.27 6.59
CA ASN F 53 -52.17 45.63 5.56
C ASN F 53 -53.05 44.71 4.75
N TYR F 54 -52.91 44.75 3.43
CA TYR F 54 -53.74 43.88 2.64
C TYR F 54 -53.09 42.60 2.18
N SER F 55 -51.78 42.62 2.04
CA SER F 55 -51.08 41.39 1.68
C SER F 55 -49.65 41.53 2.10
N ALA F 56 -49.40 41.21 3.35
CA ALA F 56 -48.09 41.29 3.94
C ALA F 56 -47.10 40.47 3.11
N GLU F 57 -45.96 41.07 2.79
CA GLU F 57 -44.95 40.37 2.03
C GLU F 57 -44.71 39.11 2.83
N LEU F 58 -44.74 37.96 2.16
CA LEU F 58 -44.49 36.69 2.84
C LEU F 58 -43.34 35.96 2.17
N ARG F 59 -42.88 34.86 2.78
CA ARG F 59 -41.77 34.09 2.23
C ARG F 59 -42.08 32.60 2.13
N ASN F 60 -41.91 32.04 0.93
CA ASN F 60 -42.17 30.62 0.67
C ASN F 60 -43.65 30.21 0.63
N ALA F 61 -44.53 31.18 0.43
CA ALA F 61 -45.98 30.97 0.40
C ALA F 61 -46.45 29.99 -0.67
N THR F 62 -45.51 29.24 -1.24
CA THR F 62 -45.87 28.30 -2.27
C THR F 62 -45.36 26.89 -2.03
N ALA F 63 -46.24 25.92 -2.31
CA ALA F 63 -45.92 24.51 -2.14
C ALA F 63 -46.78 23.64 -3.06
N ALA F 64 -46.31 22.42 -3.28
CA ALA F 64 -46.99 21.45 -4.13
C ALA F 64 -47.78 20.46 -3.29
N MET F 65 -48.98 20.13 -3.78
CA MET F 65 -49.85 19.20 -3.09
C MET F 65 -49.33 17.79 -3.28
N LYS F 66 -49.18 17.07 -2.18
CA LYS F 66 -48.66 15.74 -2.27
C LYS F 66 -49.49 14.83 -1.40
N ASN F 67 -50.13 13.87 -2.03
CA ASN F 67 -50.93 12.90 -1.31
C ASN F 67 -51.98 13.64 -0.50
N GLN F 68 -52.55 14.66 -1.12
CA GLN F 68 -53.60 15.47 -0.51
C GLN F 68 -53.14 16.46 0.57
N VAL F 69 -51.83 16.67 0.70
CA VAL F 69 -51.34 17.63 1.68
C VAL F 69 -50.15 18.44 1.19
N ALA F 70 -50.25 19.75 1.42
CA ALA F 70 -49.23 20.69 1.00
C ALA F 70 -48.38 21.20 2.16
N ARG F 71 -47.22 20.57 2.34
CA ARG F 71 -46.32 20.96 3.39
C ARG F 71 -45.57 22.21 2.89
N PHE F 72 -45.43 23.20 3.76
CA PHE F 72 -44.71 24.42 3.41
C PHE F 72 -43.38 24.47 4.14
N ASN F 73 -42.29 24.55 3.39
CA ASN F 73 -40.94 24.59 3.97
C ASN F 73 -40.53 25.96 4.48
N ASP F 74 -40.57 26.13 5.79
CA ASP F 74 -40.21 27.39 6.42
C ASP F 74 -40.94 28.56 5.78
N LEU F 75 -42.22 28.70 6.12
CA LEU F 75 -43.01 29.81 5.62
C LEU F 75 -42.60 30.92 6.55
N ARG F 76 -42.71 32.16 6.10
CA ARG F 76 -42.34 33.29 6.95
C ARG F 76 -43.15 34.55 6.67
N PHE F 77 -43.53 35.24 7.75
CA PHE F 77 -44.32 36.46 7.68
C PHE F 77 -43.48 37.72 7.77
N VAL F 78 -43.26 38.37 6.64
CA VAL F 78 -42.46 39.58 6.63
C VAL F 78 -43.20 40.83 7.12
N GLY F 79 -44.31 41.17 6.49
CA GLY F 79 -45.04 42.35 6.92
C GLY F 79 -45.60 42.27 8.33
N ARG F 80 -45.66 43.40 9.03
CA ARG F 80 -46.22 43.44 10.38
C ARG F 80 -47.74 43.30 10.25
N SER F 81 -48.43 43.21 11.39
CA SER F 81 -49.89 43.05 11.39
C SER F 81 -50.56 44.13 12.23
N GLY F 82 -49.79 45.13 12.63
CA GLY F 82 -50.34 46.21 13.43
C GLY F 82 -50.77 45.79 14.83
N ARG F 83 -50.47 46.68 15.78
CA ARG F 83 -50.79 46.51 17.21
C ARG F 83 -52.12 45.83 17.47
N GLY F 84 -52.11 44.83 18.35
CA GLY F 84 -53.32 44.10 18.71
C GLY F 84 -54.14 43.46 17.60
N LYS F 85 -53.70 43.57 16.35
CA LYS F 85 -54.45 42.97 15.25
C LYS F 85 -53.78 41.70 14.75
N SER F 86 -54.61 40.75 14.31
CA SER F 86 -54.13 39.47 13.80
C SER F 86 -54.31 39.30 12.30
N PHE F 87 -53.63 38.31 11.74
CA PHE F 87 -53.68 38.06 10.30
C PHE F 87 -54.75 37.07 9.90
N THR F 88 -55.21 37.19 8.66
CA THR F 88 -56.22 36.29 8.12
C THR F 88 -55.81 35.97 6.69
N LEU F 89 -55.19 34.79 6.53
CA LEU F 89 -54.68 34.37 5.24
C LEU F 89 -55.63 33.67 4.29
N THR F 90 -55.27 33.76 3.02
CA THR F 90 -56.02 33.18 1.92
C THR F 90 -55.33 31.94 1.41
N ILE F 91 -55.92 30.79 1.67
CA ILE F 91 -55.33 29.56 1.19
C ILE F 91 -55.88 29.34 -0.21
N THR F 92 -54.99 29.39 -1.18
CA THR F 92 -55.39 29.24 -2.57
C THR F 92 -54.94 27.92 -3.20
N VAL F 93 -55.90 27.05 -3.48
CA VAL F 93 -55.63 25.76 -4.11
C VAL F 93 -55.71 25.95 -5.61
N PHE F 94 -54.74 25.42 -6.34
CA PHE F 94 -54.78 25.61 -7.77
C PHE F 94 -55.30 24.44 -8.59
N THR F 95 -56.57 24.11 -8.37
CA THR F 95 -57.23 23.06 -9.10
C THR F 95 -57.89 23.71 -10.30
N ASN F 96 -58.83 23.00 -10.92
CA ASN F 96 -59.53 23.54 -12.06
C ASN F 96 -61.03 23.24 -11.95
N PRO F 97 -61.83 24.24 -11.57
CA PRO F 97 -61.35 25.59 -11.26
C PRO F 97 -60.70 25.71 -9.87
N PRO F 98 -59.81 26.70 -9.72
CA PRO F 98 -59.10 26.93 -8.45
C PRO F 98 -60.06 27.03 -7.26
N GLN F 99 -59.55 26.73 -6.07
CA GLN F 99 -60.35 26.81 -4.84
C GLN F 99 -59.67 27.68 -3.80
N VAL F 100 -60.44 28.26 -2.88
CA VAL F 100 -59.89 29.13 -1.84
C VAL F 100 -60.48 28.90 -0.46
N ALA F 101 -59.62 28.93 0.54
CA ALA F 101 -60.02 28.73 1.93
C ALA F 101 -59.35 29.77 2.80
N THR F 102 -60.04 30.19 3.85
CA THR F 102 -59.52 31.21 4.74
C THR F 102 -59.55 30.86 6.22
N TYR F 103 -58.40 31.08 6.86
CA TYR F 103 -58.21 30.83 8.29
C TYR F 103 -58.17 32.25 8.80
N HIS F 104 -59.27 32.66 9.43
CA HIS F 104 -59.39 34.02 9.94
C HIS F 104 -58.65 34.25 11.23
N ARG F 105 -58.24 35.51 11.42
CA ARG F 105 -57.50 35.93 12.61
C ARG F 105 -56.61 34.77 13.01
N ALA F 106 -55.68 34.46 12.13
CA ALA F 106 -54.77 33.36 12.30
C ALA F 106 -53.57 33.61 13.19
N ILE F 107 -52.78 34.62 12.84
CA ILE F 107 -51.56 34.90 13.59
C ILE F 107 -51.26 36.40 13.77
N LYS F 108 -50.40 36.73 14.74
CA LYS F 108 -50.01 38.11 14.99
C LYS F 108 -48.54 38.34 14.69
N ILE F 109 -48.27 39.35 13.85
CA ILE F 109 -46.90 39.64 13.46
C ILE F 109 -46.26 40.94 13.97
N THR F 110 -45.55 40.85 15.09
CA THR F 110 -44.86 42.04 15.60
C THR F 110 -43.39 41.94 15.14
N VAL F 111 -42.63 42.98 15.45
CA VAL F 111 -41.24 43.04 15.04
C VAL F 111 -40.32 42.29 16.01
N ASP F 112 -40.69 42.31 17.28
CA ASP F 112 -39.92 41.62 18.31
C ASP F 112 -40.47 40.21 18.52
N GLY F 113 -41.74 40.02 18.20
CA GLY F 113 -42.33 38.72 18.42
C GLY F 113 -42.51 38.63 19.91
N PRO F 114 -42.92 37.48 20.45
CA PRO F 114 -43.10 37.37 21.90
C PRO F 114 -41.82 37.71 22.67
N ARG F 115 -41.95 38.41 23.79
CA ARG F 115 -40.78 38.81 24.57
C ARG F 115 -40.97 38.66 26.07
N GLU F 116 -39.88 38.40 26.76
CA GLU F 116 -39.93 38.28 28.20
C GLU F 116 -40.29 39.67 28.68
N PRO F 117 -41.20 39.78 29.66
CA PRO F 117 -41.58 41.11 30.16
C PRO F 117 -40.36 41.90 30.64
N ARG F 118 -40.36 43.20 30.36
CA ARG F 118 -39.24 44.06 30.74
C ARG F 118 -38.94 44.10 32.21
N ARG F 119 -37.65 43.98 32.51
CA ARG F 119 -37.15 43.99 33.87
C ARG F 119 -36.80 45.39 34.37
N HIS F 120 -37.81 46.25 34.49
CA HIS F 120 -37.61 47.61 34.96
C HIS F 120 -38.35 47.83 36.27
#